data_3LUD
#
_entry.id   3LUD
#
_cell.length_a   40.521
_cell.length_b   47.387
_cell.length_c   66.388
_cell.angle_alpha   86.36
_cell.angle_beta   72.71
_cell.angle_gamma   83.59
#
_symmetry.space_group_name_H-M   'P 1'
#
loop_
_entity.id
_entity.type
_entity.pdbx_description
1 polymer 'Protein argonaute-2'
2 non-polymer 'ADENOSINE MONOPHOSPHATE'
3 non-polymer 'PHOSPHATE ION'
4 water water
#
_entity_poly.entity_id   1
_entity_poly.type   'polypeptide(L)'
_entity_poly.pdbx_seq_one_letter_code
;SNKQFHTGIEIKVWAIACFAPQRQCTEVHLKSFTEQLRKISRDAGMPIQGQPCFCKYAQGADSVEPMFRHLKNTYAGLQL
VVVILPGKTPVYAEVKRVGDTVLGMATQCVQMKNVQRTTPQTLSNLCLKINVKLGGVN
;
_entity_poly.pdbx_strand_id   A,B,C
#
loop_
_chem_comp.id
_chem_comp.type
_chem_comp.name
_chem_comp.formula
AMP non-polymer 'ADENOSINE MONOPHOSPHATE' 'C10 H14 N5 O7 P'
PO4 non-polymer 'PHOSPHATE ION' 'O4 P -3'
#
# COMPACT_ATOMS: atom_id res chain seq x y z
N LYS A 3 33.48 -17.13 19.47
CA LYS A 3 32.39 -17.78 18.76
C LYS A 3 31.28 -18.25 19.70
N GLN A 4 31.63 -18.52 20.96
CA GLN A 4 30.67 -18.96 21.98
C GLN A 4 29.70 -17.85 22.41
N PHE A 5 28.53 -18.25 22.85
CA PHE A 5 27.50 -17.33 23.31
C PHE A 5 27.83 -16.82 24.72
N HIS A 6 27.80 -15.49 24.87
CA HIS A 6 28.06 -14.84 26.15
C HIS A 6 26.78 -14.51 26.90
N THR A 7 26.68 -14.95 28.15
CA THR A 7 25.55 -14.64 28.99
C THR A 7 25.80 -13.34 29.75
N GLY A 8 24.78 -12.85 30.46
CA GLY A 8 24.95 -11.63 31.24
C GLY A 8 24.72 -10.31 30.52
N ILE A 9 24.45 -10.36 29.22
CA ILE A 9 24.16 -9.14 28.47
C ILE A 9 22.70 -8.76 28.56
N GLU A 10 22.45 -7.51 28.95
CA GLU A 10 21.13 -6.91 28.94
C GLU A 10 21.29 -5.55 28.27
N ILE A 11 20.47 -5.28 27.26
CA ILE A 11 20.59 -4.02 26.53
C ILE A 11 19.39 -3.13 26.81
N LYS A 12 19.56 -2.23 27.77
CA LYS A 12 18.49 -1.35 28.21
C LYS A 12 18.45 -0.01 27.48
N VAL A 13 19.61 0.58 27.21
CA VAL A 13 19.62 1.86 26.50
C VAL A 13 20.22 1.70 25.13
N TRP A 14 19.38 1.75 24.11
CA TRP A 14 19.86 1.64 22.76
C TRP A 14 19.11 2.55 21.78
N ALA A 15 19.68 2.72 20.60
CA ALA A 15 19.11 3.66 19.64
C ALA A 15 19.00 3.04 18.25
N ILE A 16 18.07 3.57 17.48
CA ILE A 16 17.94 3.23 16.08
C ILE A 16 18.18 4.47 15.23
N ALA A 17 19.05 4.33 14.25
CA ALA A 17 19.25 5.36 13.25
C ALA A 17 18.87 4.73 11.93
N CYS A 18 17.83 5.25 11.29
CA CYS A 18 17.39 4.65 10.05
C CYS A 18 17.81 5.50 8.84
N PHE A 19 18.83 5.03 8.14
CA PHE A 19 19.28 5.73 6.93
C PHE A 19 18.52 5.26 5.70
N ALA A 20 17.60 4.32 5.89
CA ALA A 20 16.74 3.92 4.78
C ALA A 20 15.59 4.93 4.71
N PRO A 21 15.01 5.14 3.53
CA PRO A 21 13.94 6.12 3.35
C PRO A 21 12.67 5.71 4.08
N GLN A 22 12.05 6.64 4.81
CA GLN A 22 10.86 6.30 5.57
C GLN A 22 9.78 5.69 4.67
N ARG A 23 9.66 6.22 3.45
CA ARG A 23 8.64 5.71 2.56
C ARG A 23 8.97 4.27 2.16
N GLN A 24 10.20 3.82 2.42
CA GLN A 24 10.55 2.41 2.13
C GLN A 24 10.55 1.52 3.38
N CYS A 25 10.95 2.10 4.50
CA CYS A 25 11.07 1.37 5.76
C CYS A 25 10.32 2.22 6.77
N THR A 26 9.01 2.03 6.82
CA THR A 26 8.12 2.88 7.59
C THR A 26 8.24 2.66 9.08
N GLU A 27 7.48 3.42 9.85
CA GLU A 27 7.51 3.31 11.29
C GLU A 27 7.05 1.92 11.74
N VAL A 28 6.03 1.37 11.08
CA VAL A 28 5.52 0.05 11.47
C VAL A 28 6.54 -1.04 11.16
N HIS A 29 7.37 -0.86 10.13
CA HIS A 29 8.44 -1.80 9.86
C HIS A 29 9.44 -1.78 11.00
N LEU A 30 9.73 -0.59 11.48
CA LEU A 30 10.70 -0.41 12.56
C LEU A 30 10.14 -1.00 13.85
N LYS A 31 8.88 -0.73 14.14
CA LYS A 31 8.27 -1.23 15.37
C LYS A 31 8.14 -2.75 15.33
N SER A 32 7.85 -3.30 14.16
CA SER A 32 7.68 -4.75 14.01
C SER A 32 9.03 -5.45 14.11
N PHE A 33 9.99 -4.96 13.35
CA PHE A 33 11.35 -5.45 13.44
C PHE A 33 11.82 -5.44 14.90
N THR A 34 11.53 -4.36 15.59
CA THR A 34 12.01 -4.19 16.95
C THR A 34 11.39 -5.23 17.86
N GLU A 35 10.07 -5.38 17.79
CA GLU A 35 9.35 -6.40 18.58
C GLU A 35 9.88 -7.81 18.36
N GLN A 36 10.12 -8.18 17.10
CA GLN A 36 10.65 -9.50 16.80
C GLN A 36 12.04 -9.66 17.42
N LEU A 37 12.83 -8.60 17.38
CA LEU A 37 14.19 -8.63 17.89
C LEU A 37 14.16 -8.75 19.40
N ARG A 38 13.18 -8.09 20.03
CA ARG A 38 13.07 -8.12 21.49
C ARG A 38 12.82 -9.55 21.95
N LYS A 39 11.95 -10.25 21.25
CA LYS A 39 11.54 -11.58 21.68
C LYS A 39 12.63 -12.63 21.52
N ILE A 40 13.27 -12.66 20.35
CA ILE A 40 14.30 -13.64 20.13
C ILE A 40 15.54 -13.37 21.00
N SER A 41 15.90 -12.10 21.18
CA SER A 41 17.04 -11.79 22.04
C SER A 41 16.68 -12.15 23.48
N ARG A 42 15.44 -11.88 23.89
CA ARG A 42 14.97 -12.33 25.19
C ARG A 42 15.12 -13.84 25.30
N ASP A 43 14.48 -14.56 24.40
CA ASP A 43 14.49 -16.03 24.47
C ASP A 43 15.91 -16.57 24.51
N ALA A 44 16.81 -15.93 23.77
CA ALA A 44 18.19 -16.37 23.72
C ALA A 44 18.96 -16.02 25.00
N GLY A 45 18.37 -15.16 25.82
CA GLY A 45 19.04 -14.74 27.05
C GLY A 45 20.00 -13.59 26.90
N MET A 46 19.82 -12.78 25.86
CA MET A 46 20.55 -11.53 25.75
C MET A 46 19.55 -10.42 25.43
N PRO A 47 18.60 -10.18 26.35
CA PRO A 47 17.41 -9.36 26.13
C PRO A 47 17.71 -7.90 25.73
N ILE A 48 17.19 -7.49 24.58
CA ILE A 48 17.18 -6.08 24.19
C ILE A 48 15.80 -5.55 24.51
N GLN A 49 15.75 -4.52 25.35
CA GLN A 49 14.47 -3.97 25.76
C GLN A 49 13.72 -3.41 24.56
N GLY A 50 12.39 -3.45 24.64
CA GLY A 50 11.52 -3.16 23.52
C GLY A 50 11.45 -1.70 23.11
N GLN A 51 11.76 -0.80 24.03
CA GLN A 51 11.69 0.62 23.74
C GLN A 51 13.08 1.22 23.55
N PRO A 52 13.43 1.56 22.30
CA PRO A 52 14.71 2.26 22.11
C PRO A 52 14.59 3.69 22.64
N CYS A 53 15.70 4.28 23.08
CA CYS A 53 15.68 5.62 23.66
C CYS A 53 15.52 6.68 22.59
N PHE A 54 15.63 6.29 21.32
CA PHE A 54 15.76 7.25 20.24
C PHE A 54 15.55 6.48 18.96
N CYS A 55 14.74 7.01 18.06
CA CYS A 55 14.57 6.36 16.77
C CYS A 55 14.26 7.40 15.73
N LYS A 56 15.17 7.58 14.78
CA LYS A 56 15.01 8.64 13.79
C LYS A 56 15.57 8.27 12.42
N TYR A 57 15.01 8.90 11.41
CA TYR A 57 15.52 8.78 10.06
C TYR A 57 16.61 9.81 9.83
N ALA A 58 17.55 9.46 8.97
CA ALA A 58 18.66 10.34 8.61
C ALA A 58 18.97 10.00 7.17
N GLN A 59 19.61 10.93 6.47
CA GLN A 59 20.03 10.66 5.11
C GLN A 59 21.46 11.08 4.93
N GLY A 60 22.21 10.26 4.22
CA GLY A 60 23.56 10.63 3.82
C GLY A 60 24.60 10.42 4.87
N ALA A 61 25.78 10.02 4.41
CA ALA A 61 26.89 9.76 5.29
C ALA A 61 27.26 10.95 6.18
N ASP A 62 27.05 12.18 5.71
CA ASP A 62 27.41 13.34 6.53
C ASP A 62 26.51 13.54 7.74
N SER A 63 25.37 12.87 7.75
CA SER A 63 24.45 12.95 8.87
C SER A 63 24.90 12.09 10.03
N VAL A 64 25.75 11.11 9.75
CA VAL A 64 26.19 10.17 10.79
C VAL A 64 26.90 10.81 11.98
N GLU A 65 27.91 11.63 11.72
CA GLU A 65 28.68 12.16 12.84
C GLU A 65 27.89 13.17 13.70
N PRO A 66 27.15 14.10 13.07
CA PRO A 66 26.33 14.92 13.97
C PRO A 66 25.32 14.05 14.76
N MET A 67 24.78 13.01 14.15
CA MET A 67 23.79 12.19 14.87
C MET A 67 24.40 11.48 16.09
N PHE A 68 25.51 10.81 15.88
CA PHE A 68 26.14 10.05 16.97
C PHE A 68 26.63 11.01 18.07
N ARG A 69 27.09 12.19 17.68
CA ARG A 69 27.49 13.17 18.69
C ARG A 69 26.29 13.51 19.55
N HIS A 70 25.17 13.83 18.92
CA HIS A 70 23.92 14.08 19.65
C HIS A 70 23.59 12.93 20.58
N LEU A 71 23.59 11.71 20.07
CA LEU A 71 23.27 10.55 20.89
C LEU A 71 24.18 10.45 22.09
N LYS A 72 25.49 10.53 21.84
CA LYS A 72 26.49 10.44 22.92
C LYS A 72 26.27 11.56 23.91
N ASN A 73 25.90 12.74 23.42
CA ASN A 73 25.70 13.87 24.32
C ASN A 73 24.38 13.82 25.10
N THR A 74 23.46 12.96 24.70
CA THR A 74 22.09 13.06 25.19
C THR A 74 21.66 11.88 26.07
N TYR A 75 22.18 10.69 25.77
CA TYR A 75 21.74 9.46 26.42
C TYR A 75 22.87 8.78 27.19
N ALA A 76 22.97 9.06 28.49
CA ALA A 76 23.93 8.39 29.36
C ALA A 76 23.67 6.89 29.37
N GLY A 77 24.71 6.08 29.37
CA GLY A 77 24.56 4.63 29.41
C GLY A 77 24.18 4.02 28.06
N LEU A 78 24.17 4.83 27.01
CA LEU A 78 23.90 4.31 25.67
C LEU A 78 24.78 3.11 25.41
N GLN A 79 24.17 1.96 25.13
CA GLN A 79 24.93 0.71 24.94
C GLN A 79 25.15 0.36 23.48
N LEU A 80 24.25 0.78 22.60
CA LEU A 80 24.24 0.31 21.21
C LEU A 80 23.45 1.21 20.27
N VAL A 81 23.99 1.43 19.08
CA VAL A 81 23.23 2.07 18.02
C VAL A 81 23.02 1.06 16.90
N VAL A 82 21.76 0.74 16.62
CA VAL A 82 21.41 -0.11 15.48
C VAL A 82 21.17 0.78 14.28
N VAL A 83 21.83 0.45 13.18
CA VAL A 83 21.85 1.34 12.04
C VAL A 83 21.29 0.60 10.83
N ILE A 84 20.18 1.12 10.31
CA ILE A 84 19.51 0.46 9.19
C ILE A 84 19.98 1.06 7.88
N LEU A 85 20.50 0.20 6.99
CA LEU A 85 21.09 0.64 5.72
C LEU A 85 20.28 0.18 4.51
N PRO A 86 20.10 1.06 3.51
CA PRO A 86 19.39 0.73 2.27
C PRO A 86 20.35 0.26 1.18
N GLY A 87 20.68 -1.03 1.15
CA GLY A 87 21.64 -1.53 0.19
C GLY A 87 23.05 -0.98 0.42
N LYS A 88 23.92 -1.14 -0.57
CA LYS A 88 25.32 -0.69 -0.49
C LYS A 88 25.38 0.83 -0.39
N THR A 89 26.02 1.33 0.65
CA THR A 89 26.03 2.77 0.90
C THR A 89 27.29 3.17 1.69
N PRO A 90 27.89 4.31 1.33
CA PRO A 90 29.05 4.83 2.03
C PRO A 90 28.70 5.13 3.48
N VAL A 91 27.42 5.19 3.78
CA VAL A 91 27.02 5.37 5.17
C VAL A 91 27.68 4.29 6.05
N TYR A 92 27.82 3.08 5.55
CA TYR A 92 28.40 2.01 6.38
C TYR A 92 29.81 2.36 6.83
N ALA A 93 30.68 2.67 5.88
CA ALA A 93 32.03 3.18 6.19
C ALA A 93 32.03 4.27 7.27
N GLU A 94 31.13 5.24 7.13
CA GLU A 94 31.11 6.39 8.03
C GLU A 94 30.67 6.02 9.45
N VAL A 95 29.61 5.20 9.54
CA VAL A 95 29.15 4.70 10.84
C VAL A 95 30.30 4.03 11.58
N LYS A 96 31.06 3.21 10.87
CA LYS A 96 32.20 2.55 11.47
C LYS A 96 33.32 3.53 11.83
N ARG A 97 33.64 4.46 10.93
CA ARG A 97 34.68 5.46 11.26
C ARG A 97 34.34 6.18 12.56
N VAL A 98 33.12 6.69 12.63
CA VAL A 98 32.70 7.50 13.77
C VAL A 98 32.54 6.68 15.05
N GLY A 99 31.83 5.55 14.96
CA GLY A 99 31.59 4.70 16.11
C GLY A 99 32.86 4.08 16.68
N ASP A 100 33.62 3.40 15.83
CA ASP A 100 34.82 2.71 16.28
C ASP A 100 35.99 3.66 16.56
N THR A 101 36.21 4.64 15.69
CA THR A 101 37.41 5.46 15.79
C THR A 101 37.26 6.84 16.48
N VAL A 102 36.13 7.48 16.31
CA VAL A 102 36.01 8.83 16.86
C VAL A 102 35.39 8.86 18.26
N LEU A 103 34.25 8.19 18.40
CA LEU A 103 33.46 8.34 19.61
C LEU A 103 33.46 7.11 20.52
N GLY A 104 34.02 5.99 20.07
CA GLY A 104 33.96 4.76 20.86
C GLY A 104 32.53 4.38 21.18
N MET A 105 31.70 4.31 20.15
CA MET A 105 30.31 3.89 20.32
C MET A 105 30.08 2.58 19.57
N ALA A 106 29.53 1.59 20.28
CA ALA A 106 29.17 0.31 19.67
C ALA A 106 28.01 0.50 18.71
N THR A 107 28.18 0.02 17.49
CA THR A 107 27.16 0.12 16.46
C THR A 107 26.98 -1.24 15.83
N GLN A 108 25.77 -1.50 15.37
CA GLN A 108 25.50 -2.72 14.62
C GLN A 108 24.63 -2.35 13.46
N CYS A 109 25.11 -2.63 12.25
CA CYS A 109 24.36 -2.32 11.05
C CYS A 109 23.49 -3.50 10.66
N VAL A 110 22.41 -3.20 9.95
CA VAL A 110 21.50 -4.22 9.45
C VAL A 110 20.93 -3.70 8.15
N GLN A 111 20.59 -4.63 7.25
CA GLN A 111 20.06 -4.25 5.96
C GLN A 111 18.56 -3.96 6.00
N MET A 112 18.17 -2.92 5.26
CA MET A 112 16.79 -2.52 5.16
C MET A 112 15.88 -3.70 4.84
N LYS A 113 16.29 -4.57 3.91
CA LYS A 113 15.42 -5.69 3.53
C LYS A 113 15.10 -6.58 4.72
N ASN A 114 16.05 -6.74 5.63
CA ASN A 114 15.82 -7.58 6.81
C ASN A 114 15.01 -6.90 7.90
N VAL A 115 14.74 -5.61 7.73
CA VAL A 115 13.87 -4.89 8.65
C VAL A 115 12.43 -4.89 8.11
N GLN A 116 12.29 -4.73 6.80
CA GLN A 116 10.98 -4.80 6.16
C GLN A 116 10.33 -6.19 6.35
N ARG A 117 11.14 -7.24 6.19
CA ARG A 117 10.66 -8.59 6.42
C ARG A 117 11.70 -9.35 7.24
N THR A 118 11.36 -9.67 8.48
CA THR A 118 12.28 -10.41 9.32
C THR A 118 12.09 -11.89 9.04
N THR A 119 13.13 -12.68 9.34
CA THR A 119 13.00 -14.12 9.46
C THR A 119 13.76 -14.51 10.70
N PRO A 120 13.38 -15.62 11.33
CA PRO A 120 14.11 -16.06 12.52
C PRO A 120 15.61 -16.13 12.29
N GLN A 121 16.03 -16.55 11.11
CA GLN A 121 17.47 -16.72 10.85
C GLN A 121 18.23 -15.40 10.70
N THR A 122 17.60 -14.40 10.10
CA THR A 122 18.25 -13.09 9.96
C THR A 122 18.28 -12.37 11.31
N LEU A 123 17.26 -12.61 12.14
CA LEU A 123 17.24 -12.05 13.49
C LEU A 123 18.31 -12.73 14.34
N SER A 124 18.45 -14.04 14.16
CA SER A 124 19.49 -14.80 14.80
C SER A 124 20.87 -14.27 14.40
N ASN A 125 21.14 -14.14 13.10
CA ASN A 125 22.43 -13.57 12.67
C ASN A 125 22.73 -12.27 13.42
N LEU A 126 21.73 -11.41 13.54
CA LEU A 126 21.90 -10.10 14.19
C LEU A 126 22.20 -10.23 15.68
N CYS A 127 21.47 -11.11 16.37
CA CYS A 127 21.73 -11.29 17.79
C CYS A 127 23.15 -11.77 18.02
N LEU A 128 23.62 -12.68 17.18
CA LEU A 128 24.97 -13.16 17.34
C LEU A 128 26.00 -12.05 17.07
N LYS A 129 25.76 -11.22 16.07
CA LYS A 129 26.70 -10.14 15.80
C LYS A 129 26.71 -9.20 16.99
N ILE A 130 25.54 -8.95 17.57
CA ILE A 130 25.46 -8.07 18.71
C ILE A 130 26.15 -8.70 19.92
N ASN A 131 25.93 -10.01 20.13
CA ASN A 131 26.47 -10.72 21.28
C ASN A 131 27.99 -10.64 21.30
N VAL A 132 28.59 -10.85 20.14
CA VAL A 132 30.03 -10.77 20.05
C VAL A 132 30.47 -9.35 20.45
N LYS A 133 29.82 -8.34 19.88
CA LYS A 133 30.22 -6.97 20.15
C LYS A 133 30.24 -6.62 21.66
N LEU A 134 29.13 -6.84 22.35
CA LEU A 134 29.02 -6.41 23.75
C LEU A 134 29.43 -7.50 24.73
N GLY A 135 29.80 -8.66 24.21
CA GLY A 135 30.14 -9.78 25.07
C GLY A 135 31.53 -9.63 25.64
N LYS B 3 3.94 2.02 23.60
CA LYS B 3 3.06 0.86 23.54
C LYS B 3 3.74 -0.31 22.82
N GLN B 4 3.66 -1.49 23.43
CA GLN B 4 4.22 -2.69 22.86
C GLN B 4 3.55 -3.01 21.52
N PHE B 5 4.34 -3.42 20.53
CA PHE B 5 3.79 -3.83 19.24
C PHE B 5 3.60 -5.35 19.28
N HIS B 6 2.59 -5.85 18.59
CA HIS B 6 2.31 -7.28 18.61
C HIS B 6 2.49 -7.89 17.24
N THR B 7 3.45 -8.82 17.13
CA THR B 7 3.66 -9.51 15.88
C THR B 7 3.08 -10.92 15.98
N GLY B 8 2.96 -11.60 14.85
CA GLY B 8 2.37 -12.93 14.81
C GLY B 8 0.86 -12.94 14.97
N ILE B 9 0.19 -11.82 14.77
CA ILE B 9 -1.27 -11.83 14.81
C ILE B 9 -1.81 -11.95 13.39
N GLU B 10 -3.12 -12.17 13.25
CA GLU B 10 -3.73 -12.39 11.94
C GLU B 10 -5.14 -11.81 11.97
N ILE B 11 -5.40 -10.85 11.11
CA ILE B 11 -6.76 -10.31 11.03
C ILE B 11 -7.45 -10.96 9.85
N LYS B 12 -8.25 -11.97 10.16
CA LYS B 12 -8.86 -12.81 9.14
C LYS B 12 -10.26 -12.33 8.76
N VAL B 13 -11.00 -11.85 9.75
CA VAL B 13 -12.38 -11.43 9.52
C VAL B 13 -12.57 -9.96 9.81
N TRP B 14 -12.66 -9.16 8.76
CA TRP B 14 -12.77 -7.73 8.92
C TRP B 14 -13.65 -7.11 7.86
N ALA B 15 -14.28 -6.00 8.21
CA ALA B 15 -15.27 -5.36 7.35
C ALA B 15 -14.92 -3.91 7.08
N ILE B 16 -15.47 -3.38 5.99
CA ILE B 16 -15.37 -1.97 5.67
C ILE B 16 -16.75 -1.34 5.65
N ALA B 17 -16.92 -0.29 6.44
CA ALA B 17 -18.08 0.57 6.29
C ALA B 17 -17.57 1.94 5.83
N CYS B 18 -18.04 2.38 4.67
CA CYS B 18 -17.61 3.66 4.10
C CYS B 18 -18.69 4.70 4.29
N PHE B 19 -18.42 5.70 5.11
CA PHE B 19 -19.43 6.74 5.34
C PHE B 19 -19.19 7.95 4.45
N ALA B 20 -18.19 7.86 3.59
CA ALA B 20 -17.97 8.87 2.57
C ALA B 20 -18.66 8.34 1.33
N PRO B 21 -19.04 9.24 0.40
CA PRO B 21 -19.87 8.80 -0.74
C PRO B 21 -19.09 7.92 -1.72
N GLN B 22 -19.78 7.02 -2.41
CA GLN B 22 -19.11 6.20 -3.42
C GLN B 22 -18.53 7.07 -4.54
N ARG B 23 -19.28 8.11 -4.91
CA ARG B 23 -18.83 9.05 -5.93
C ARG B 23 -17.39 9.51 -5.72
N GLN B 24 -16.97 9.72 -4.48
CA GLN B 24 -15.61 10.19 -4.25
C GLN B 24 -14.67 9.08 -3.80
N CYS B 25 -15.24 7.97 -3.30
CA CYS B 25 -14.44 6.88 -2.78
C CYS B 25 -14.86 5.58 -3.45
N THR B 26 -14.28 5.31 -4.61
CA THR B 26 -14.80 4.29 -5.51
C THR B 26 -14.31 2.90 -5.18
N GLU B 27 -14.90 1.93 -5.85
CA GLU B 27 -14.49 0.54 -5.64
C GLU B 27 -13.00 0.42 -5.92
N VAL B 28 -12.50 1.13 -6.93
CA VAL B 28 -11.09 0.96 -7.28
C VAL B 28 -10.16 1.56 -6.23
N HIS B 29 -10.64 2.60 -5.54
CA HIS B 29 -9.91 3.14 -4.41
C HIS B 29 -9.87 2.14 -3.27
N LEU B 30 -11.02 1.52 -2.99
CA LEU B 30 -11.12 0.61 -1.86
C LEU B 30 -10.25 -0.61 -2.11
N LYS B 31 -10.35 -1.18 -3.29
CA LYS B 31 -9.61 -2.38 -3.62
C LYS B 31 -8.10 -2.17 -3.65
N SER B 32 -7.68 -1.02 -4.15
CA SER B 32 -6.27 -0.67 -4.18
C SER B 32 -5.73 -0.44 -2.77
N PHE B 33 -6.46 0.36 -2.00
CA PHE B 33 -6.15 0.57 -0.59
C PHE B 33 -6.01 -0.79 0.10
N THR B 34 -7.06 -1.59 0.02
CA THR B 34 -7.04 -2.91 0.64
C THR B 34 -5.77 -3.67 0.30
N GLU B 35 -5.41 -3.70 -0.98
CA GLU B 35 -4.25 -4.47 -1.43
C GLU B 35 -2.92 -3.93 -0.92
N GLN B 36 -2.78 -2.62 -0.79
CA GLN B 36 -1.55 -2.07 -0.23
C GLN B 36 -1.49 -2.35 1.27
N LEU B 37 -2.66 -2.38 1.88
CA LEU B 37 -2.77 -2.63 3.29
C LEU B 37 -2.44 -4.10 3.58
N ARG B 38 -2.81 -4.99 2.65
CA ARG B 38 -2.50 -6.42 2.78
C ARG B 38 -0.99 -6.59 2.87
N LYS B 39 -0.29 -5.99 1.94
CA LYS B 39 1.17 -6.14 1.81
C LYS B 39 1.96 -5.61 3.00
N ILE B 40 1.71 -4.37 3.41
CA ILE B 40 2.45 -3.80 4.53
C ILE B 40 2.07 -4.49 5.84
N SER B 41 0.79 -4.73 6.08
CA SER B 41 0.35 -5.42 7.30
C SER B 41 1.00 -6.81 7.46
N ARG B 42 1.27 -7.46 6.34
CA ARG B 42 1.91 -8.78 6.32
C ARG B 42 3.41 -8.64 6.62
N ASP B 43 4.08 -7.73 5.91
CA ASP B 43 5.49 -7.39 6.15
C ASP B 43 5.68 -7.20 7.65
N ALA B 44 4.73 -6.52 8.28
CA ALA B 44 4.86 -6.06 9.66
C ALA B 44 4.43 -7.10 10.68
N GLY B 45 4.22 -8.34 10.25
CA GLY B 45 3.84 -9.40 11.16
C GLY B 45 2.42 -9.34 11.71
N MET B 46 1.56 -8.56 11.05
CA MET B 46 0.16 -8.46 11.44
C MET B 46 -0.77 -8.55 10.22
N PRO B 47 -0.61 -9.62 9.43
CA PRO B 47 -1.31 -9.73 8.14
C PRO B 47 -2.81 -9.50 8.25
N ILE B 48 -3.32 -8.58 7.43
CA ILE B 48 -4.75 -8.39 7.31
C ILE B 48 -5.18 -9.05 6.01
N GLN B 49 -6.22 -9.86 6.07
CA GLN B 49 -6.69 -10.56 4.88
C GLN B 49 -7.04 -9.59 3.76
N GLY B 50 -6.53 -9.86 2.56
CA GLY B 50 -6.78 -9.00 1.42
C GLY B 50 -8.25 -8.95 1.02
N GLN B 51 -9.07 -9.72 1.71
CA GLN B 51 -10.48 -9.84 1.38
C GLN B 51 -11.40 -9.59 2.58
N PRO B 52 -12.01 -8.40 2.65
CA PRO B 52 -12.95 -8.05 3.73
C PRO B 52 -14.23 -8.89 3.62
N CYS B 53 -14.93 -9.11 4.74
CA CYS B 53 -16.10 -9.97 4.72
C CYS B 53 -17.37 -9.20 4.36
N PHE B 54 -17.24 -7.89 4.32
CA PHE B 54 -18.38 -7.00 4.19
C PHE B 54 -17.78 -5.67 3.78
N CYS B 55 -18.43 -5.00 2.84
CA CYS B 55 -17.96 -3.70 2.37
C CYS B 55 -19.13 -2.95 1.79
N LYS B 56 -19.67 -2.00 2.55
CA LYS B 56 -20.84 -1.26 2.09
C LYS B 56 -20.75 0.21 2.46
N TYR B 57 -21.49 1.06 1.72
CA TYR B 57 -21.53 2.49 1.98
C TYR B 57 -22.70 2.82 2.88
N ALA B 58 -22.57 3.92 3.63
CA ALA B 58 -23.66 4.40 4.45
C ALA B 58 -23.52 5.90 4.64
N GLN B 59 -24.60 6.54 5.07
CA GLN B 59 -24.60 7.99 5.25
C GLN B 59 -25.31 8.38 6.54
N GLY B 60 -24.63 9.16 7.38
CA GLY B 60 -25.24 9.69 8.57
C GLY B 60 -25.03 8.86 9.83
N ALA B 61 -25.00 9.53 10.97
CA ALA B 61 -24.82 8.87 12.24
C ALA B 61 -25.94 7.86 12.51
N ASP B 62 -27.16 8.16 12.07
CA ASP B 62 -28.30 7.28 12.37
C ASP B 62 -28.16 5.87 11.76
N SER B 63 -27.29 5.73 10.76
CA SER B 63 -27.10 4.44 10.10
C SER B 63 -26.01 3.59 10.76
N VAL B 64 -25.30 4.16 11.73
CA VAL B 64 -24.21 3.44 12.39
C VAL B 64 -24.70 2.22 13.18
N GLU B 65 -25.57 2.44 14.17
CA GLU B 65 -26.02 1.35 15.03
C GLU B 65 -26.61 0.14 14.28
N PRO B 66 -27.65 0.37 13.44
CA PRO B 66 -28.25 -0.69 12.63
C PRO B 66 -27.24 -1.52 11.85
N MET B 67 -26.27 -0.87 11.22
CA MET B 67 -25.27 -1.57 10.43
C MET B 67 -24.35 -2.42 11.31
N PHE B 68 -23.92 -1.86 12.44
CA PHE B 68 -22.97 -2.54 13.32
C PHE B 68 -23.62 -3.75 13.99
N ARG B 69 -24.88 -3.60 14.40
CA ARG B 69 -25.66 -4.72 14.91
C ARG B 69 -25.79 -5.83 13.87
N HIS B 70 -25.94 -5.47 12.61
CA HIS B 70 -26.01 -6.46 11.54
C HIS B 70 -24.68 -7.18 11.36
N LEU B 71 -23.58 -6.44 11.43
CA LEU B 71 -22.26 -7.04 11.32
C LEU B 71 -22.02 -7.98 12.48
N LYS B 72 -22.26 -7.49 13.69
CA LYS B 72 -22.09 -8.29 14.89
C LYS B 72 -22.90 -9.58 14.77
N ASN B 73 -24.17 -9.43 14.38
CA ASN B 73 -25.10 -10.56 14.33
C ASN B 73 -24.88 -11.53 13.19
N THR B 74 -24.10 -11.14 12.19
CA THR B 74 -24.01 -11.97 10.99
C THR B 74 -22.63 -12.54 10.76
N TYR B 75 -21.61 -11.87 11.29
CA TYR B 75 -20.25 -12.25 11.03
C TYR B 75 -19.56 -12.69 12.31
N ALA B 76 -19.62 -13.98 12.57
CA ALA B 76 -19.00 -14.55 13.76
C ALA B 76 -17.49 -14.48 13.60
N GLY B 77 -16.80 -14.13 14.68
CA GLY B 77 -15.35 -14.02 14.61
C GLY B 77 -14.87 -12.74 13.96
N LEU B 78 -15.80 -11.80 13.80
CA LEU B 78 -15.48 -10.47 13.31
C LEU B 78 -14.48 -9.80 14.26
N GLN B 79 -13.33 -9.38 13.72
CA GLN B 79 -12.26 -8.82 14.53
C GLN B 79 -12.16 -7.29 14.46
N LEU B 80 -12.57 -6.73 13.33
CA LEU B 80 -12.31 -5.32 13.08
C LEU B 80 -13.21 -4.75 12.01
N VAL B 81 -13.79 -3.60 12.29
CA VAL B 81 -14.47 -2.81 11.27
C VAL B 81 -13.63 -1.58 10.93
N VAL B 82 -13.16 -1.50 9.69
CA VAL B 82 -12.49 -0.31 9.19
C VAL B 82 -13.58 0.63 8.70
N VAL B 83 -13.61 1.82 9.29
CA VAL B 83 -14.63 2.83 9.02
C VAL B 83 -14.02 4.03 8.29
N ILE B 84 -14.48 4.29 7.07
CA ILE B 84 -13.93 5.36 6.26
C ILE B 84 -14.75 6.65 6.39
N LEU B 85 -14.10 7.71 6.84
CA LEU B 85 -14.78 8.98 7.10
C LEU B 85 -14.28 10.07 6.13
N PRO B 86 -15.15 11.01 5.74
CA PRO B 86 -14.75 12.09 4.84
C PRO B 86 -13.99 13.21 5.54
N GLY B 87 -13.95 13.20 6.87
CA GLY B 87 -13.28 14.23 7.63
C GLY B 87 -13.99 14.37 8.97
N LYS B 88 -13.97 15.56 9.55
CA LYS B 88 -14.74 15.82 10.76
C LYS B 88 -16.22 15.51 10.52
N THR B 89 -16.80 14.65 11.36
CA THR B 89 -18.20 14.28 11.24
C THR B 89 -18.72 13.58 12.50
N PRO B 90 -19.96 13.89 12.88
CA PRO B 90 -20.69 13.29 14.00
C PRO B 90 -20.57 11.78 13.97
N VAL B 91 -20.46 11.22 12.77
CA VAL B 91 -20.40 9.78 12.63
C VAL B 91 -19.27 9.21 13.49
N TYR B 92 -18.19 9.97 13.63
CA TYR B 92 -17.07 9.49 14.44
C TYR B 92 -17.54 9.13 15.85
N ALA B 93 -18.11 10.10 16.57
CA ALA B 93 -18.58 9.80 17.93
C ALA B 93 -19.61 8.68 17.95
N GLU B 94 -20.52 8.63 16.96
CA GLU B 94 -21.53 7.59 16.99
C GLU B 94 -20.90 6.22 16.78
N VAL B 95 -19.89 6.15 15.93
CA VAL B 95 -19.20 4.90 15.66
C VAL B 95 -18.55 4.40 16.93
N LYS B 96 -17.93 5.32 17.66
CA LYS B 96 -17.23 4.99 18.90
C LYS B 96 -18.22 4.70 20.02
N ARG B 97 -19.29 5.47 20.08
CA ARG B 97 -20.35 5.24 21.05
C ARG B 97 -20.96 3.85 20.90
N VAL B 98 -21.19 3.43 19.66
CA VAL B 98 -21.75 2.12 19.36
C VAL B 98 -20.76 0.98 19.56
N GLY B 99 -19.62 1.07 18.90
CA GLY B 99 -18.61 0.02 18.97
C GLY B 99 -17.98 -0.14 20.34
N ASP B 100 -17.79 0.98 21.03
CA ASP B 100 -17.10 1.00 22.31
C ASP B 100 -17.99 0.84 23.53
N THR B 101 -19.20 1.38 23.48
CA THR B 101 -20.04 1.38 24.67
C THR B 101 -21.29 0.52 24.55
N VAL B 102 -21.61 0.07 23.34
CA VAL B 102 -22.84 -0.66 23.14
C VAL B 102 -22.62 -2.12 22.74
N LEU B 103 -21.96 -2.34 21.60
CA LEU B 103 -21.81 -3.70 21.04
C LEU B 103 -20.46 -4.37 21.34
N GLY B 104 -19.53 -3.61 21.91
CA GLY B 104 -18.19 -4.12 22.18
C GLY B 104 -17.54 -4.61 20.90
N MET B 105 -17.37 -3.71 19.93
CA MET B 105 -16.79 -4.05 18.63
C MET B 105 -15.59 -3.16 18.31
N ALA B 106 -14.47 -3.80 17.98
CA ALA B 106 -13.26 -3.08 17.60
C ALA B 106 -13.43 -2.33 16.27
N THR B 107 -13.29 -1.01 16.28
CA THR B 107 -13.36 -0.24 15.05
C THR B 107 -12.09 0.57 14.85
N GLN B 108 -11.80 0.87 13.58
CA GLN B 108 -10.65 1.68 13.22
C GLN B 108 -11.02 2.63 12.08
N CYS B 109 -11.07 3.93 12.40
CA CYS B 109 -11.40 4.97 11.44
C CYS B 109 -10.21 5.41 10.58
N VAL B 110 -10.47 5.75 9.33
CA VAL B 110 -9.44 6.24 8.43
C VAL B 110 -10.03 7.33 7.56
N GLN B 111 -9.25 8.36 7.27
CA GLN B 111 -9.69 9.43 6.39
C GLN B 111 -9.80 8.96 4.96
N MET B 112 -10.86 9.39 4.29
CA MET B 112 -11.13 9.05 2.91
C MET B 112 -9.94 9.35 1.99
N LYS B 113 -9.31 10.50 2.19
CA LYS B 113 -8.21 10.92 1.32
C LYS B 113 -7.02 9.96 1.37
N ASN B 114 -6.83 9.31 2.51
CA ASN B 114 -5.74 8.36 2.62
C ASN B 114 -6.11 6.99 2.06
N VAL B 115 -7.38 6.83 1.67
CA VAL B 115 -7.84 5.64 0.95
C VAL B 115 -7.79 5.91 -0.55
N GLN B 116 -8.01 7.17 -0.93
CA GLN B 116 -7.99 7.53 -2.35
C GLN B 116 -6.57 7.47 -2.87
N ARG B 117 -5.66 7.98 -2.07
CA ARG B 117 -4.25 7.97 -2.41
C ARG B 117 -3.55 7.52 -1.15
N THR B 118 -2.98 6.32 -1.18
CA THR B 118 -2.25 5.80 -0.04
C THR B 118 -0.78 6.19 -0.14
N THR B 119 -0.09 6.23 0.99
CA THR B 119 1.36 6.30 1.01
C THR B 119 1.81 5.28 2.05
N PRO B 120 3.06 4.82 1.95
CA PRO B 120 3.51 3.85 2.94
C PRO B 120 3.44 4.42 4.36
N GLN B 121 3.58 5.73 4.46
CA GLN B 121 3.56 6.36 5.77
C GLN B 121 2.19 6.31 6.41
N THR B 122 1.17 6.63 5.63
CA THR B 122 -0.20 6.62 6.16
C THR B 122 -0.75 5.20 6.33
N LEU B 123 -0.30 4.28 5.48
CA LEU B 123 -0.67 2.89 5.70
C LEU B 123 0.00 2.46 7.00
N SER B 124 1.27 2.80 7.16
CA SER B 124 1.99 2.47 8.40
C SER B 124 1.29 3.05 9.62
N ASN B 125 0.78 4.28 9.50
CA ASN B 125 0.07 4.91 10.61
C ASN B 125 -1.12 4.08 11.01
N LEU B 126 -1.83 3.59 10.00
CA LEU B 126 -3.09 2.89 10.24
C LEU B 126 -2.83 1.55 10.91
N CYS B 127 -1.83 0.82 10.39
CA CYS B 127 -1.41 -0.46 10.98
C CYS B 127 -1.03 -0.32 12.46
N LEU B 128 -0.34 0.77 12.80
CA LEU B 128 0.02 0.97 14.19
C LEU B 128 -1.24 1.13 15.03
N LYS B 129 -2.18 1.93 14.58
CA LYS B 129 -3.42 2.18 15.32
C LYS B 129 -4.20 0.86 15.50
N ILE B 130 -4.22 0.05 14.46
CA ILE B 130 -4.92 -1.22 14.47
C ILE B 130 -4.26 -2.18 15.45
N ASN B 131 -2.94 -2.19 15.44
CA ASN B 131 -2.17 -3.09 16.29
C ASN B 131 -2.45 -2.88 17.79
N VAL B 132 -2.53 -1.62 18.23
CA VAL B 132 -2.80 -1.37 19.64
C VAL B 132 -4.23 -1.81 20.01
N LYS B 133 -5.19 -1.55 19.13
CA LYS B 133 -6.57 -1.95 19.37
C LYS B 133 -6.74 -3.45 19.47
N LEU B 134 -5.97 -4.18 18.67
CA LEU B 134 -6.06 -5.63 18.68
C LEU B 134 -4.83 -6.23 19.36
N LYS C 3 -12.62 -10.22 -6.60
CA LYS C 3 -11.20 -10.46 -6.94
C LYS C 3 -10.28 -9.34 -6.45
N GLN C 4 -9.11 -9.73 -5.95
CA GLN C 4 -8.13 -8.79 -5.41
C GLN C 4 -7.42 -7.96 -6.48
N PHE C 5 -6.86 -6.83 -6.04
CA PHE C 5 -6.26 -5.82 -6.91
C PHE C 5 -4.79 -6.14 -7.19
N HIS C 6 -4.38 -6.01 -8.45
CA HIS C 6 -2.97 -6.22 -8.79
C HIS C 6 -2.20 -4.91 -8.77
N THR C 7 -1.04 -4.93 -8.11
CA THR C 7 -0.19 -3.76 -7.98
C THR C 7 0.96 -3.84 -8.98
N GLY C 8 1.66 -2.72 -9.18
CA GLY C 8 2.86 -2.72 -10.01
C GLY C 8 2.63 -2.61 -11.51
N ILE C 9 1.36 -2.60 -11.90
CA ILE C 9 1.00 -2.38 -13.28
C ILE C 9 1.29 -0.94 -13.69
N GLU C 10 1.99 -0.77 -14.81
CA GLU C 10 2.18 0.55 -15.44
C GLU C 10 1.88 0.43 -16.92
N ILE C 11 0.92 1.21 -17.40
CA ILE C 11 0.55 1.15 -18.79
C ILE C 11 1.13 2.33 -19.56
N LYS C 12 2.18 2.04 -20.33
CA LYS C 12 2.93 3.07 -21.01
C LYS C 12 2.52 3.13 -22.46
N VAL C 13 2.25 1.98 -23.05
CA VAL C 13 1.94 1.91 -24.47
C VAL C 13 0.51 1.44 -24.69
N TRP C 14 -0.38 2.37 -24.96
CA TRP C 14 -1.77 2.02 -25.14
C TRP C 14 -2.42 2.92 -26.19
N ALA C 15 -3.49 2.41 -26.79
CA ALA C 15 -4.10 3.04 -27.96
C ALA C 15 -5.59 3.21 -27.76
N ILE C 16 -6.18 4.18 -28.45
CA ILE C 16 -7.61 4.34 -28.44
C ILE C 16 -8.16 4.08 -29.83
N ALA C 17 -9.20 3.25 -29.89
CA ALA C 17 -9.92 3.00 -31.12
C ALA C 17 -11.36 3.39 -30.85
N CYS C 18 -11.82 4.48 -31.47
CA CYS C 18 -13.14 5.01 -31.21
C CYS C 18 -14.12 4.65 -32.30
N PHE C 19 -15.00 3.71 -31.99
CA PHE C 19 -16.04 3.31 -32.93
C PHE C 19 -17.31 4.16 -32.79
N ALA C 20 -17.31 5.07 -31.83
CA ALA C 20 -18.39 6.04 -31.75
C ALA C 20 -18.14 7.13 -32.80
N PRO C 21 -19.21 7.68 -33.37
CA PRO C 21 -19.07 8.72 -34.40
C PRO C 21 -18.38 9.96 -33.80
N GLN C 22 -17.38 10.50 -34.49
CA GLN C 22 -16.68 11.70 -34.03
C GLN C 22 -17.63 12.81 -33.61
N ARG C 23 -18.71 12.98 -34.37
CA ARG C 23 -19.61 14.09 -34.14
C ARG C 23 -20.29 13.94 -32.79
N GLN C 24 -20.32 12.73 -32.27
CA GLN C 24 -20.93 12.48 -30.98
C GLN C 24 -19.88 12.43 -29.88
N CYS C 25 -18.71 11.93 -30.22
CA CYS C 25 -17.62 11.76 -29.26
C CYS C 25 -16.37 12.42 -29.83
N THR C 26 -16.28 13.73 -29.64
CA THR C 26 -15.23 14.52 -30.26
C THR C 26 -13.87 14.29 -29.62
N GLU C 27 -12.84 14.77 -30.30
CA GLU C 27 -11.48 14.61 -29.84
C GLU C 27 -11.25 15.26 -28.47
N VAL C 28 -12.00 16.33 -28.18
CA VAL C 28 -11.86 16.97 -26.88
C VAL C 28 -12.57 16.12 -25.82
N HIS C 29 -13.53 15.30 -26.25
CA HIS C 29 -14.17 14.37 -25.33
C HIS C 29 -13.16 13.28 -24.95
N LEU C 30 -12.46 12.76 -25.95
CA LEU C 30 -11.44 11.74 -25.76
C LEU C 30 -10.32 12.22 -24.85
N LYS C 31 -9.86 13.43 -25.11
CA LYS C 31 -8.71 13.93 -24.37
C LYS C 31 -9.05 14.21 -22.90
N SER C 32 -10.23 14.76 -22.66
CA SER C 32 -10.74 15.02 -21.32
C SER C 32 -10.90 13.71 -20.56
N PHE C 33 -11.55 12.76 -21.21
CA PHE C 33 -11.75 11.43 -20.65
C PHE C 33 -10.40 10.81 -20.27
N THR C 34 -9.42 10.93 -21.15
CA THR C 34 -8.10 10.37 -20.92
C THR C 34 -7.43 10.99 -19.70
N GLU C 35 -7.50 12.31 -19.58
CA GLU C 35 -6.90 13.01 -18.46
C GLU C 35 -7.52 12.52 -17.15
N GLN C 36 -8.82 12.28 -17.16
CA GLN C 36 -9.52 11.81 -15.96
C GLN C 36 -9.14 10.36 -15.62
N LEU C 37 -8.97 9.54 -16.66
CA LEU C 37 -8.51 8.16 -16.50
C LEU C 37 -7.08 8.17 -15.98
N ARG C 38 -6.26 9.06 -16.54
CA ARG C 38 -4.90 9.21 -16.08
C ARG C 38 -4.84 9.41 -14.55
N LYS C 39 -5.58 10.40 -14.07
CA LYS C 39 -5.57 10.75 -12.64
C LYS C 39 -5.99 9.61 -11.72
N ILE C 40 -7.16 9.04 -11.97
CA ILE C 40 -7.69 7.99 -11.08
C ILE C 40 -6.88 6.68 -11.11
N SER C 41 -6.39 6.31 -12.29
CA SER C 41 -5.55 5.11 -12.42
C SER C 41 -4.24 5.35 -11.70
N ARG C 42 -3.72 6.57 -11.81
CA ARG C 42 -2.52 6.93 -11.06
C ARG C 42 -2.78 6.77 -9.57
N ASP C 43 -3.89 7.32 -9.09
CA ASP C 43 -4.16 7.32 -7.66
C ASP C 43 -4.28 5.90 -7.13
N ALA C 44 -4.78 4.98 -7.95
CA ALA C 44 -5.04 3.61 -7.50
C ALA C 44 -3.82 2.72 -7.70
N GLY C 45 -2.70 3.32 -8.05
CA GLY C 45 -1.46 2.57 -8.23
C GLY C 45 -1.47 1.62 -9.42
N MET C 46 -2.17 1.98 -10.48
CA MET C 46 -2.05 1.28 -11.75
C MET C 46 -2.05 2.36 -12.84
N PRO C 47 -0.98 3.17 -12.87
CA PRO C 47 -0.93 4.37 -13.71
C PRO C 47 -1.03 4.10 -15.22
N ILE C 48 -2.01 4.74 -15.85
CA ILE C 48 -2.08 4.75 -17.30
C ILE C 48 -1.51 6.06 -17.80
N GLN C 49 -0.45 5.98 -18.60
CA GLN C 49 0.21 7.15 -19.17
C GLN C 49 -0.75 8.05 -19.95
N GLY C 50 -0.63 9.36 -19.75
CA GLY C 50 -1.60 10.31 -20.28
C GLY C 50 -1.67 10.43 -21.79
N GLN C 51 -0.67 9.93 -22.48
CA GLN C 51 -0.67 10.05 -23.92
C GLN C 51 -0.71 8.70 -24.59
N PRO C 52 -1.78 8.39 -25.29
CA PRO C 52 -1.88 7.14 -26.03
C PRO C 52 -0.97 7.19 -27.23
N CYS C 53 -0.46 6.03 -27.63
CA CYS C 53 0.37 5.93 -28.81
C CYS C 53 -0.42 6.29 -30.06
N PHE C 54 -1.68 5.86 -30.10
CA PHE C 54 -2.53 6.04 -31.23
C PHE C 54 -3.94 6.34 -30.75
N CYS C 55 -4.64 7.22 -31.43
CA CYS C 55 -6.03 7.46 -31.17
C CYS C 55 -6.73 7.83 -32.46
N LYS C 56 -7.55 6.93 -32.98
CA LYS C 56 -8.24 7.19 -34.23
C LYS C 56 -9.68 6.71 -34.25
N TYR C 57 -10.45 7.25 -35.19
CA TYR C 57 -11.83 6.87 -35.38
C TYR C 57 -12.02 5.77 -36.43
N ALA C 58 -12.94 4.85 -36.16
CA ALA C 58 -13.32 3.81 -37.10
C ALA C 58 -14.82 3.61 -37.05
N GLN C 59 -15.35 2.92 -38.04
CA GLN C 59 -16.78 2.72 -38.18
C GLN C 59 -17.07 1.29 -38.66
N GLY C 60 -17.87 0.57 -37.88
CA GLY C 60 -18.31 -0.77 -38.25
C GLY C 60 -17.40 -1.92 -37.85
N ALA C 61 -18.01 -3.07 -37.60
CA ALA C 61 -17.24 -4.28 -37.25
C ALA C 61 -16.15 -4.60 -38.26
N ASP C 62 -16.39 -4.29 -39.53
CA ASP C 62 -15.43 -4.61 -40.58
C ASP C 62 -14.09 -3.85 -40.49
N SER C 63 -14.06 -2.76 -39.73
CA SER C 63 -12.83 -1.98 -39.56
C SER C 63 -11.91 -2.56 -38.48
N VAL C 64 -12.48 -3.38 -37.60
CA VAL C 64 -11.76 -3.89 -36.44
C VAL C 64 -10.44 -4.57 -36.79
N GLU C 65 -10.50 -5.62 -37.63
CA GLU C 65 -9.30 -6.41 -37.88
C GLU C 65 -8.21 -5.63 -38.63
N PRO C 66 -8.59 -4.88 -39.68
CA PRO C 66 -7.54 -4.07 -40.31
C PRO C 66 -6.86 -3.13 -39.33
N MET C 67 -7.61 -2.50 -38.43
CA MET C 67 -7.02 -1.51 -37.53
C MET C 67 -6.12 -2.16 -36.48
N PHE C 68 -6.60 -3.25 -35.88
CA PHE C 68 -5.85 -3.95 -34.84
C PHE C 68 -4.54 -4.51 -35.41
N ARG C 69 -4.58 -5.06 -36.62
CA ARG C 69 -3.38 -5.58 -37.26
C ARG C 69 -2.36 -4.46 -37.42
N HIS C 70 -2.84 -3.29 -37.81
CA HIS C 70 -1.98 -2.14 -37.94
C HIS C 70 -1.43 -1.75 -36.58
N LEU C 71 -2.28 -1.79 -35.56
CA LEU C 71 -1.84 -1.42 -34.21
C LEU C 71 -0.75 -2.37 -33.74
N LYS C 72 -1.02 -3.66 -33.87
CA LYS C 72 -0.07 -4.67 -33.45
C LYS C 72 1.26 -4.52 -34.18
N ASN C 73 1.20 -4.21 -35.47
CA ASN C 73 2.38 -4.14 -36.31
C ASN C 73 3.17 -2.85 -36.17
N THR C 74 2.54 -1.83 -35.63
CA THR C 74 3.15 -0.51 -35.65
C THR C 74 3.69 -0.09 -34.28
N TYR C 75 3.13 -0.64 -33.21
CA TYR C 75 3.52 -0.23 -31.87
C TYR C 75 4.06 -1.37 -31.03
N ALA C 76 5.37 -1.55 -31.10
CA ALA C 76 6.04 -2.51 -30.24
C ALA C 76 5.80 -2.07 -28.80
N GLY C 77 5.41 -3.01 -27.96
CA GLY C 77 5.14 -2.71 -26.57
C GLY C 77 3.67 -2.48 -26.26
N LEU C 78 2.84 -2.43 -27.29
CA LEU C 78 1.40 -2.21 -27.11
C LEU C 78 0.86 -3.08 -25.99
N GLN C 79 0.34 -2.46 -24.93
CA GLN C 79 -0.20 -3.23 -23.81
C GLN C 79 -1.73 -3.33 -23.82
N LEU C 80 -2.41 -2.37 -24.45
CA LEU C 80 -3.85 -2.28 -24.33
C LEU C 80 -4.48 -1.49 -25.46
N VAL C 81 -5.63 -1.94 -25.93
CA VAL C 81 -6.42 -1.10 -26.83
C VAL C 81 -7.75 -0.80 -26.16
N VAL C 82 -8.00 0.48 -25.91
CA VAL C 82 -9.23 0.91 -25.29
C VAL C 82 -10.21 1.20 -26.42
N VAL C 83 -11.36 0.53 -26.42
CA VAL C 83 -12.25 0.63 -27.56
C VAL C 83 -13.54 1.27 -27.11
N ILE C 84 -13.92 2.36 -27.78
CA ILE C 84 -15.13 3.06 -27.40
C ILE C 84 -16.28 2.65 -28.30
N LEU C 85 -17.39 2.23 -27.69
CA LEU C 85 -18.55 1.70 -28.46
C LEU C 85 -19.80 2.57 -28.31
N PRO C 86 -20.52 2.77 -29.43
CA PRO C 86 -21.79 3.50 -29.43
C PRO C 86 -22.96 2.57 -29.16
N GLY C 87 -23.12 2.13 -27.92
CA GLY C 87 -24.23 1.27 -27.58
C GLY C 87 -23.98 -0.18 -27.95
N LYS C 88 -25.06 -0.96 -28.02
CA LYS C 88 -24.96 -2.36 -28.40
C LYS C 88 -24.69 -2.49 -29.89
N THR C 89 -23.57 -3.09 -30.25
CA THR C 89 -23.14 -3.18 -31.62
C THR C 89 -22.39 -4.47 -31.86
N PRO C 90 -22.40 -4.94 -33.10
CA PRO C 90 -21.67 -6.14 -33.44
C PRO C 90 -20.20 -5.85 -33.28
N VAL C 91 -19.83 -4.61 -33.08
CA VAL C 91 -18.43 -4.24 -32.93
C VAL C 91 -17.83 -4.94 -31.72
N TYR C 92 -18.57 -5.01 -30.64
CA TYR C 92 -18.06 -5.64 -29.44
C TYR C 92 -17.61 -7.08 -29.70
N ALA C 93 -18.47 -7.87 -30.35
CA ALA C 93 -18.13 -9.27 -30.59
C ALA C 93 -16.92 -9.40 -31.52
N GLU C 94 -16.80 -8.52 -32.50
CA GLU C 94 -15.69 -8.60 -33.44
C GLU C 94 -14.39 -8.23 -32.72
N VAL C 95 -14.48 -7.20 -31.86
CA VAL C 95 -13.32 -6.77 -31.09
C VAL C 95 -12.76 -7.93 -30.30
N LYS C 96 -13.65 -8.64 -29.62
CA LYS C 96 -13.23 -9.76 -28.82
C LYS C 96 -12.70 -10.91 -29.68
N ARG C 97 -13.36 -11.16 -30.81
CA ARG C 97 -12.88 -12.19 -31.74
C ARG C 97 -11.44 -11.88 -32.17
N VAL C 98 -11.21 -10.64 -32.60
CA VAL C 98 -9.92 -10.27 -33.16
C VAL C 98 -8.84 -10.18 -32.07
N GLY C 99 -9.20 -9.58 -30.94
CA GLY C 99 -8.28 -9.43 -29.83
C GLY C 99 -7.91 -10.75 -29.17
N ASP C 100 -8.91 -11.57 -28.84
CA ASP C 100 -8.67 -12.81 -28.11
C ASP C 100 -8.26 -13.99 -29.01
N THR C 101 -8.86 -14.10 -30.19
CA THR C 101 -8.66 -15.29 -31.01
C THR C 101 -7.70 -15.10 -32.19
N VAL C 102 -7.83 -14.00 -32.89
CA VAL C 102 -7.03 -13.79 -34.09
C VAL C 102 -5.62 -13.25 -33.79
N LEU C 103 -5.55 -12.12 -33.07
CA LEU C 103 -4.27 -11.45 -32.86
C LEU C 103 -3.64 -11.61 -31.47
N GLY C 104 -4.42 -12.00 -30.47
CA GLY C 104 -3.92 -12.05 -29.11
C GLY C 104 -3.46 -10.70 -28.57
N MET C 105 -4.37 -9.73 -28.57
CA MET C 105 -4.12 -8.39 -28.05
C MET C 105 -5.10 -8.13 -26.92
N ALA C 106 -4.63 -7.57 -25.80
CA ALA C 106 -5.56 -7.17 -24.75
C ALA C 106 -6.40 -5.99 -25.24
N THR C 107 -7.70 -6.04 -24.99
CA THR C 107 -8.60 -4.96 -25.36
C THR C 107 -9.55 -4.68 -24.19
N GLN C 108 -10.02 -3.43 -24.10
CA GLN C 108 -11.00 -3.10 -23.07
C GLN C 108 -12.03 -2.19 -23.71
N CYS C 109 -13.29 -2.60 -23.71
CA CYS C 109 -14.32 -1.78 -24.31
C CYS C 109 -14.93 -0.84 -23.28
N VAL C 110 -15.43 0.31 -23.74
CA VAL C 110 -16.10 1.24 -22.84
C VAL C 110 -17.25 1.88 -23.59
N GLN C 111 -18.34 2.18 -22.89
CA GLN C 111 -19.48 2.78 -23.57
C GLN C 111 -19.23 4.24 -23.90
N MET C 112 -19.60 4.63 -25.11
CA MET C 112 -19.48 6.01 -25.55
C MET C 112 -19.95 7.00 -24.50
N LYS C 113 -21.09 6.72 -23.87
CA LYS C 113 -21.65 7.64 -22.90
C LYS C 113 -20.72 7.90 -21.72
N ASN C 114 -20.02 6.89 -21.26
CA ASN C 114 -19.11 7.07 -20.13
C ASN C 114 -17.83 7.78 -20.52
N VAL C 115 -17.71 8.12 -21.80
CA VAL C 115 -16.58 8.89 -22.27
C VAL C 115 -17.05 10.32 -22.52
N GLN C 116 -18.32 10.47 -22.90
CA GLN C 116 -18.88 11.80 -23.11
C GLN C 116 -18.98 12.52 -21.78
N ARG C 117 -19.37 11.78 -20.74
CA ARG C 117 -19.31 12.29 -19.37
C ARG C 117 -18.80 11.22 -18.42
N THR C 118 -17.62 11.48 -17.85
CA THR C 118 -17.03 10.60 -16.90
C THR C 118 -17.67 10.80 -15.53
N THR C 119 -17.73 9.73 -14.75
CA THR C 119 -18.00 9.81 -13.31
C THR C 119 -16.93 8.92 -12.67
N PRO C 120 -16.56 9.20 -11.42
CA PRO C 120 -15.62 8.36 -10.68
C PRO C 120 -15.98 6.87 -10.73
N GLN C 121 -17.24 6.54 -10.51
CA GLN C 121 -17.67 5.15 -10.51
C GLN C 121 -17.45 4.41 -11.85
N THR C 122 -17.77 5.03 -12.98
CA THR C 122 -17.55 4.34 -14.26
C THR C 122 -16.07 4.25 -14.61
N LEU C 123 -15.30 5.27 -14.25
CA LEU C 123 -13.84 5.22 -14.41
C LEU C 123 -13.26 4.10 -13.55
N SER C 124 -13.83 3.93 -12.37
CA SER C 124 -13.41 2.86 -11.46
C SER C 124 -13.70 1.48 -12.03
N ASN C 125 -14.93 1.27 -12.53
CA ASN C 125 -15.26 0.02 -13.18
C ASN C 125 -14.24 -0.28 -14.26
N LEU C 126 -13.96 0.74 -15.08
CA LEU C 126 -13.04 0.57 -16.19
C LEU C 126 -11.66 0.13 -15.70
N CYS C 127 -11.13 0.84 -14.70
CA CYS C 127 -9.82 0.52 -14.16
C CYS C 127 -9.76 -0.90 -13.58
N LEU C 128 -10.84 -1.32 -12.93
CA LEU C 128 -10.92 -2.64 -12.36
C LEU C 128 -10.91 -3.70 -13.45
N LYS C 129 -11.70 -3.49 -14.50
CA LYS C 129 -11.70 -4.41 -15.64
C LYS C 129 -10.30 -4.55 -16.22
N ILE C 130 -9.59 -3.44 -16.33
CA ILE C 130 -8.25 -3.43 -16.91
C ILE C 130 -7.25 -4.13 -16.00
N ASN C 131 -7.39 -3.93 -14.70
CA ASN C 131 -6.45 -4.48 -13.74
C ASN C 131 -6.47 -5.98 -13.83
N VAL C 132 -7.67 -6.52 -13.91
CA VAL C 132 -7.88 -7.95 -14.09
C VAL C 132 -7.22 -8.46 -15.37
N LYS C 133 -7.42 -7.74 -16.46
CA LYS C 133 -6.89 -8.16 -17.76
C LYS C 133 -5.36 -8.11 -17.82
N LEU C 134 -4.77 -7.08 -17.23
CA LEU C 134 -3.34 -6.96 -17.27
C LEU C 134 -2.70 -7.51 -16.00
N GLY C 135 -3.48 -8.24 -15.22
CA GLY C 135 -3.00 -8.79 -13.96
C GLY C 135 -2.15 -10.03 -14.12
P AMP D . 28.38 -4.70 11.46
O1P AMP D . 28.23 -6.11 12.02
O2P AMP D . 29.77 -4.46 10.90
O3P AMP D . 27.81 -3.61 12.35
O5' AMP D . 27.43 -4.64 10.16
C5' AMP D . 27.23 -5.74 9.30
C4' AMP D . 26.16 -5.37 8.29
O4' AMP D . 26.55 -4.23 7.51
C3' AMP D . 25.93 -6.53 7.32
O3' AMP D . 24.61 -7.00 7.54
C2' AMP D . 25.99 -5.92 5.94
O2' AMP D . 24.76 -6.18 5.29
C1' AMP D . 26.15 -4.42 6.15
N9 AMP D . 27.19 -3.80 5.29
C8 AMP D . 28.52 -4.04 5.29
N7 AMP D . 29.15 -3.27 4.38
C5 AMP D . 28.23 -2.50 3.77
C6 AMP D . 28.21 -1.46 2.73
N6 AMP D . 29.35 -1.07 2.09
N1 AMP D . 27.01 -0.91 2.40
C2 AMP D . 25.87 -1.27 3.00
N3 AMP D . 25.82 -2.22 3.95
C4 AMP D . 26.94 -2.85 4.38
P PO4 E . 28.05 1.03 28.09
O1 PO4 E . 29.51 1.29 27.86
O2 PO4 E . 27.70 -0.34 27.55
O3 PO4 E . 27.74 1.08 29.56
O4 PO4 E . 27.24 2.08 27.39
P AMP F . -9.68 5.68 15.75
O1P AMP F . -8.26 5.14 15.83
O2P AMP F . -10.03 6.58 16.91
O3P AMP F . -10.71 4.64 15.35
O5' AMP F . -9.67 6.67 14.47
C5' AMP F . -8.55 7.50 14.16
C4' AMP F . -8.87 8.38 12.96
O4' AMP F . -10.16 8.98 13.06
C3' AMP F . -7.84 9.49 12.82
O3' AMP F . -7.14 9.25 11.59
C2' AMP F . -8.63 10.78 12.72
O2' AMP F . -8.28 11.45 11.51
C1' AMP F . -10.10 10.36 12.70
N9 AMP F . -10.88 11.11 13.70
C8 AMP F . -10.57 11.24 15.01
N7 AMP F . -11.50 11.99 15.66
C5 AMP F . -12.42 12.35 14.76
C6 AMP F . -13.66 13.14 14.79
N6 AMP F . -14.09 13.70 15.95
N1 AMP F . -14.36 13.29 13.62
C2 AMP F . -13.93 12.73 12.48
N3 AMP F . -12.81 11.99 12.38
C4 AMP F . -12.02 11.77 13.47
P PO4 G . 3.23 -10.11 -2.36
O1 PO4 G . 4.04 -10.81 -3.42
O2 PO4 G . 2.54 -11.13 -1.51
O3 PO4 G . 4.17 -9.27 -1.52
O4 PO4 G . 2.22 -9.21 -3.04
P AMP H . -15.00 -5.97 -21.84
O1P AMP H . -14.70 -5.80 -20.35
O2P AMP H . -15.72 -7.25 -22.11
O3P AMP H . -13.84 -5.60 -22.76
O5' AMP H . -16.10 -4.84 -22.17
C5' AMP H . -17.16 -4.53 -21.27
C4' AMP H . -18.01 -3.43 -21.91
O4' AMP H . -18.42 -3.82 -23.23
C3' AMP H . -19.27 -3.16 -21.09
O3' AMP H . -19.17 -1.83 -20.60
C2' AMP H . -20.40 -3.23 -22.07
O2' AMP H . -21.13 -1.99 -22.03
C1' AMP H . -19.78 -3.44 -23.45
N9 AMP H . -20.47 -4.49 -24.20
C8 AMP H . -20.60 -5.79 -23.85
N7 AMP H . -21.31 -6.49 -24.77
C5 AMP H . -21.65 -5.63 -25.76
C6 AMP H . -22.39 -5.69 -27.04
N6 AMP H . -22.95 -6.84 -27.48
N1 AMP H . -22.50 -4.55 -27.76
C2 AMP H . -21.96 -3.39 -27.33
N3 AMP H . -21.28 -3.27 -26.19
C4 AMP H . -21.10 -4.32 -25.38
P PO4 I . -0.41 -14.09 -38.59
O1 PO4 I . 0.71 -13.14 -38.95
O2 PO4 I . 0.15 -15.19 -37.74
O3 PO4 I . -1.47 -13.34 -37.82
O4 PO4 I . -1.02 -14.66 -39.86
P PO4 J . -0.25 5.90 -37.36
O1 PO4 J . 1.20 5.87 -37.77
O2 PO4 J . -0.56 4.70 -36.50
O3 PO4 J . -0.53 7.17 -36.59
O4 PO4 J . -1.11 5.87 -38.60
P PO4 K . -23.03 -0.52 -42.64
O1 PO4 K . -22.25 -1.50 -43.47
O2 PO4 K . -24.23 -1.18 -42.02
O3 PO4 K . -22.14 0.02 -41.54
O4 PO4 K . -23.50 0.60 -43.52
P PO4 L . 1.05 16.21 -12.93
O1 PO4 L . 1.56 17.17 -13.98
O2 PO4 L . 1.18 14.80 -13.46
O3 PO4 L . 1.91 16.36 -11.70
O4 PO4 L . -0.39 16.49 -12.61
#